data_830C
#
_entry.id   830C
#
_cell.length_a   136.072
_cell.length_b   36.098
_cell.length_c   96.368
_cell.angle_alpha   90.00
_cell.angle_beta   131.06
_cell.angle_gamma   90.00
#
_symmetry.space_group_name_H-M   'C 1 2 1'
#
loop_
_entity.id
_entity.type
_entity.pdbx_description
1 polymer MMP-13
2 non-polymer 'ZINC ION'
3 non-polymer 'CALCIUM ION'
4 non-polymer '4-[4-(4-CHLORO-PHENOXY)-BENZENESULFONYLMETHYL]-TETRAHYDRO-PYRAN-4-CARBOXYLIC ACID HYDROXYAMIDE'
5 water water
#
_entity_poly.entity_id   1
_entity_poly.type   'polypeptide(L)'
_entity_poly.pdbx_seq_one_letter_code
;YNVFPRTLKWSKMNLTYRIVNYTPDMTHSEVEKAFKKAFKVWSDVTPLNFTRLHDGIADIMISFGIKEHGDFYPFDGPSG
LLAHAFPPGPNYGGDAHFDDDETWTSSSKGYNLFLVAAHEFGHSLGLDHSKDPGALMFPIYTYTGKSHFMLPDDDVQGIQ
SLYGPGDE
;
_entity_poly.pdbx_strand_id   A,B
#
# COMPACT_ATOMS: atom_id res chain seq x y z
N TYR A 1 -20.15 -3.42 -2.74
CA TYR A 1 -18.83 -3.98 -2.35
C TYR A 1 -17.78 -3.51 -3.33
N ASN A 2 -16.52 -3.68 -2.96
CA ASN A 2 -15.40 -3.29 -3.80
C ASN A 2 -14.27 -4.26 -3.62
N VAL A 3 -13.65 -4.65 -4.72
CA VAL A 3 -12.51 -5.55 -4.66
C VAL A 3 -11.33 -4.62 -4.92
N PHE A 4 -10.13 -5.02 -4.49
CA PHE A 4 -8.94 -4.21 -4.71
C PHE A 4 -8.65 -4.09 -6.21
N PRO A 5 -8.02 -2.97 -6.64
CA PRO A 5 -7.70 -2.78 -8.06
C PRO A 5 -6.77 -3.88 -8.57
N ARG A 6 -6.73 -4.07 -9.88
CA ARG A 6 -5.89 -5.10 -10.51
C ARG A 6 -4.40 -4.72 -10.54
N THR A 7 -4.14 -3.42 -10.54
CA THR A 7 -2.78 -2.92 -10.57
C THR A 7 -2.66 -1.81 -9.54
N LEU A 8 -1.44 -1.54 -9.09
CA LEU A 8 -1.21 -0.48 -8.14
C LEU A 8 -1.27 0.83 -8.92
N LYS A 9 -2.26 1.67 -8.62
CA LYS A 9 -2.42 2.94 -9.30
C LYS A 9 -3.23 3.85 -8.40
N TRP A 10 -3.14 5.15 -8.63
CA TRP A 10 -3.92 6.10 -7.84
C TRP A 10 -5.34 6.04 -8.37
N SER A 11 -6.32 6.19 -7.47
CA SER A 11 -7.71 6.12 -7.89
C SER A 11 -8.27 7.49 -8.22
N LYS A 12 -7.44 8.53 -8.09
CA LYS A 12 -7.84 9.90 -8.39
C LYS A 12 -6.85 10.46 -9.41
N MET A 13 -7.26 11.48 -10.14
CA MET A 13 -6.40 12.09 -11.15
C MET A 13 -5.62 13.29 -10.63
N ASN A 14 -6.08 13.86 -9.52
CA ASN A 14 -5.40 15.01 -8.95
C ASN A 14 -4.54 14.54 -7.80
N LEU A 15 -3.22 14.66 -7.94
CA LEU A 15 -2.31 14.26 -6.89
C LEU A 15 -1.53 15.47 -6.39
N THR A 16 -1.06 15.39 -5.15
CA THR A 16 -0.29 16.47 -4.57
C THR A 16 1.11 15.94 -4.25
N TYR A 17 2.08 16.83 -4.22
CA TYR A 17 3.44 16.43 -3.86
C TYR A 17 4.01 17.50 -2.96
N ARG A 18 4.90 17.11 -2.06
CA ARG A 18 5.51 18.06 -1.14
C ARG A 18 7.01 17.82 -1.12
N ILE A 19 7.80 18.89 -1.25
CA ILE A 19 9.26 18.78 -1.18
C ILE A 19 9.59 19.03 0.30
N VAL A 20 9.74 17.94 1.04
CA VAL A 20 10.02 17.97 2.48
C VAL A 20 11.30 18.71 2.87
N ASN A 21 12.38 18.43 2.16
CA ASN A 21 13.66 19.07 2.42
C ASN A 21 14.43 19.21 1.12
N TYR A 22 15.57 19.88 1.17
CA TYR A 22 16.36 20.12 -0.02
C TYR A 22 17.82 19.69 0.04
N THR A 23 18.37 19.43 -1.14
CA THR A 23 19.75 19.01 -1.26
C THR A 23 20.67 20.23 -1.15
N PRO A 24 21.88 20.03 -0.63
CA PRO A 24 22.81 21.15 -0.51
C PRO A 24 23.31 21.61 -1.89
N ASP A 25 23.32 20.66 -2.83
CA ASP A 25 23.84 20.89 -4.19
C ASP A 25 23.22 21.91 -5.14
N MET A 26 21.93 22.18 -4.98
CA MET A 26 21.21 23.08 -5.89
C MET A 26 20.37 24.09 -5.10
N THR A 27 19.94 25.16 -5.77
CA THR A 27 19.09 26.17 -5.13
C THR A 27 17.68 25.60 -4.99
N HIS A 28 16.88 26.18 -4.09
CA HIS A 28 15.51 25.72 -3.91
C HIS A 28 14.77 25.79 -5.24
N SER A 29 14.93 26.89 -5.98
CA SER A 29 14.25 27.04 -7.25
C SER A 29 14.68 26.02 -8.30
N GLU A 30 15.97 25.66 -8.31
CA GLU A 30 16.46 24.66 -9.26
C GLU A 30 15.77 23.32 -8.96
N VAL A 31 15.73 22.95 -7.70
CA VAL A 31 15.09 21.70 -7.28
C VAL A 31 13.60 21.72 -7.64
N GLU A 32 12.93 22.81 -7.29
CA GLU A 32 11.51 22.96 -7.57
C GLU A 32 11.21 22.87 -9.07
N LYS A 33 12.09 23.45 -9.89
CA LYS A 33 11.94 23.42 -11.33
C LYS A 33 12.16 22.02 -11.90
N ALA A 34 13.16 21.34 -11.35
CA ALA A 34 13.49 19.98 -11.77
C ALA A 34 12.29 19.08 -11.50
N PHE A 35 11.71 19.18 -10.31
CA PHE A 35 10.56 18.35 -9.96
C PHE A 35 9.31 18.70 -10.76
N LYS A 36 9.07 19.99 -10.98
CA LYS A 36 7.92 20.44 -11.75
C LYS A 36 7.99 19.85 -13.17
N LYS A 37 9.16 19.95 -13.79
CA LYS A 37 9.38 19.44 -15.13
C LYS A 37 9.23 17.90 -15.13
N ALA A 38 9.74 17.26 -14.09
CA ALA A 38 9.65 15.82 -13.96
C ALA A 38 8.20 15.34 -13.89
N PHE A 39 7.34 16.08 -13.20
CA PHE A 39 5.92 15.73 -13.13
C PHE A 39 5.22 16.00 -14.45
N LYS A 40 5.59 17.10 -15.11
CA LYS A 40 5.00 17.47 -16.39
C LYS A 40 5.19 16.39 -17.44
N VAL A 41 6.30 15.67 -17.33
CA VAL A 41 6.60 14.56 -18.24
C VAL A 41 5.41 13.58 -18.29
N TRP A 42 4.87 13.26 -17.11
CA TRP A 42 3.77 12.34 -16.98
C TRP A 42 2.38 12.96 -17.17
N SER A 43 2.16 14.16 -16.64
CA SER A 43 0.84 14.79 -16.79
C SER A 43 0.56 15.10 -18.26
N ASP A 44 1.60 15.37 -19.03
CA ASP A 44 1.46 15.69 -20.44
C ASP A 44 0.87 14.56 -21.28
N VAL A 45 0.99 13.33 -20.80
CA VAL A 45 0.49 12.17 -21.57
C VAL A 45 -0.61 11.34 -20.91
N THR A 46 -1.24 11.93 -19.89
CA THR A 46 -2.30 11.27 -19.12
C THR A 46 -3.24 12.38 -18.61
N PRO A 47 -4.31 12.02 -17.88
CA PRO A 47 -5.23 13.03 -17.35
C PRO A 47 -4.80 13.44 -15.91
N LEU A 48 -3.60 13.03 -15.51
CA LEU A 48 -3.05 13.32 -14.19
C LEU A 48 -2.75 14.80 -13.97
N ASN A 49 -2.98 15.28 -12.75
CA ASN A 49 -2.74 16.67 -12.42
C ASN A 49 -1.94 16.72 -11.12
N PHE A 50 -0.88 17.51 -11.10
CA PHE A 50 -0.03 17.63 -9.91
C PHE A 50 0.02 19.01 -9.29
N THR A 51 -0.26 19.08 -8.00
CA THR A 51 -0.24 20.34 -7.27
C THR A 51 0.77 20.23 -6.14
N ARG A 52 1.62 21.24 -6.02
CA ARG A 52 2.62 21.24 -4.97
C ARG A 52 2.05 21.79 -3.64
N LEU A 53 2.34 21.08 -2.57
CA LEU A 53 1.93 21.45 -1.22
C LEU A 53 3.18 21.97 -0.53
N HIS A 54 3.07 23.07 0.21
CA HIS A 54 4.24 23.63 0.90
C HIS A 54 4.53 22.98 2.24
N ASP A 55 3.56 22.20 2.73
CA ASP A 55 3.67 21.50 3.99
C ASP A 55 2.51 20.53 4.08
N GLY A 56 2.43 19.84 5.21
CA GLY A 56 1.35 18.89 5.42
C GLY A 56 1.51 17.56 4.68
N ILE A 57 0.41 16.84 4.56
CA ILE A 57 0.38 15.54 3.93
C ILE A 57 0.05 15.61 2.44
N ALA A 58 0.99 15.15 1.61
CA ALA A 58 0.82 15.14 0.17
C ALA A 58 0.82 13.69 -0.26
N ASP A 59 0.32 13.44 -1.46
CA ASP A 59 0.28 12.08 -1.97
C ASP A 59 1.68 11.56 -2.20
N ILE A 60 2.53 12.42 -2.72
CA ILE A 60 3.91 12.06 -3.02
C ILE A 60 4.85 12.96 -2.20
N MET A 61 5.37 12.40 -1.12
CA MET A 61 6.28 13.11 -0.22
C MET A 61 7.70 12.86 -0.76
N ILE A 62 8.38 13.96 -1.08
CA ILE A 62 9.73 13.93 -1.64
C ILE A 62 10.76 14.41 -0.60
N SER A 63 11.83 13.64 -0.43
CA SER A 63 12.88 14.03 0.51
C SER A 63 14.26 13.55 0.09
N PHE A 64 15.28 14.19 0.66
CA PHE A 64 16.68 13.89 0.44
C PHE A 64 17.22 13.43 1.78
N GLY A 65 17.86 12.27 1.81
CA GLY A 65 18.41 11.74 3.04
C GLY A 65 19.56 10.82 2.73
N ILE A 66 20.23 10.31 3.76
CA ILE A 66 21.36 9.41 3.58
C ILE A 66 21.21 8.22 4.49
N LYS A 67 21.89 7.14 4.13
CA LYS A 67 21.90 5.91 4.92
C LYS A 67 20.50 5.51 5.39
N GLU A 68 20.34 5.22 6.68
CA GLU A 68 19.04 4.86 7.23
C GLU A 68 18.22 6.15 7.33
N HIS A 69 17.06 6.18 6.68
CA HIS A 69 16.26 7.40 6.67
C HIS A 69 14.78 7.24 6.96
N GLY A 70 14.38 6.09 7.48
CA GLY A 70 12.98 5.89 7.82
C GLY A 70 12.20 4.82 7.09
N ASP A 71 12.90 3.91 6.41
CA ASP A 71 12.24 2.82 5.68
C ASP A 71 13.17 1.61 5.68
N PHE A 72 12.76 0.54 5.01
CA PHE A 72 13.58 -0.67 4.95
C PHE A 72 14.60 -0.63 3.83
N TYR A 73 14.86 0.54 3.27
CA TYR A 73 15.79 0.66 2.15
C TYR A 73 16.81 1.77 2.36
N PRO A 74 17.75 1.55 3.28
CA PRO A 74 18.79 2.55 3.57
C PRO A 74 19.67 2.84 2.36
N PHE A 75 20.15 4.08 2.27
CA PHE A 75 21.04 4.45 1.18
C PHE A 75 22.46 3.97 1.50
N ASP A 76 23.35 4.07 0.52
CA ASP A 76 24.69 3.52 0.60
C ASP A 76 25.88 4.47 0.42
N GLY A 77 25.65 5.76 0.57
CA GLY A 77 26.75 6.68 0.38
C GLY A 77 26.90 7.00 -1.11
N PRO A 78 28.00 7.65 -1.51
CA PRO A 78 28.28 8.02 -2.90
C PRO A 78 28.11 6.83 -3.86
N SER A 79 27.48 7.08 -4.99
CA SER A 79 27.21 6.05 -5.99
C SER A 79 26.27 4.95 -5.49
N GLY A 80 26.24 3.83 -6.21
CA GLY A 80 25.37 2.74 -5.85
C GLY A 80 23.94 3.20 -6.07
N LEU A 81 23.11 3.08 -5.04
CA LEU A 81 21.72 3.52 -5.09
C LEU A 81 21.71 5.04 -5.23
N LEU A 82 20.85 5.54 -6.12
CA LEU A 82 20.73 6.99 -6.31
C LEU A 82 19.43 7.49 -5.71
N ALA A 83 18.39 6.67 -5.81
CA ALA A 83 17.06 7.04 -5.31
C ALA A 83 16.12 5.85 -5.39
N HIS A 84 14.95 5.99 -4.76
CA HIS A 84 13.93 4.95 -4.79
C HIS A 84 12.57 5.59 -4.51
N ALA A 85 11.52 4.97 -5.03
CA ALA A 85 10.17 5.49 -4.83
C ALA A 85 9.21 4.33 -4.57
N PHE A 86 8.15 4.60 -3.83
CA PHE A 86 7.14 3.59 -3.48
C PHE A 86 5.93 3.69 -4.40
N PRO A 87 5.40 2.54 -4.87
CA PRO A 87 4.24 2.54 -5.75
C PRO A 87 3.01 3.09 -5.03
N PRO A 88 1.95 3.46 -5.80
CA PRO A 88 0.71 4.01 -5.26
C PRO A 88 0.19 3.23 -4.06
N GLY A 89 -0.29 3.96 -3.06
CA GLY A 89 -0.81 3.34 -1.86
C GLY A 89 -0.79 4.30 -0.69
N PRO A 90 -1.30 3.88 0.48
CA PRO A 90 -1.35 4.70 1.69
C PRO A 90 0.01 4.87 2.35
N ASN A 91 0.11 5.85 3.25
CA ASN A 91 1.32 6.14 4.00
C ASN A 91 2.49 6.53 3.09
N TYR A 92 3.51 5.68 3.01
CA TYR A 92 4.68 5.94 2.18
C TYR A 92 4.46 5.67 0.69
N GLY A 93 3.33 5.07 0.35
CA GLY A 93 3.02 4.82 -1.04
C GLY A 93 3.11 6.11 -1.82
N GLY A 94 3.83 6.08 -2.94
CA GLY A 94 4.01 7.26 -3.77
C GLY A 94 5.23 8.10 -3.41
N ASP A 95 5.76 7.93 -2.20
CA ASP A 95 6.91 8.72 -1.75
C ASP A 95 8.18 8.45 -2.54
N ALA A 96 8.99 9.49 -2.73
CA ALA A 96 10.23 9.35 -3.48
C ALA A 96 11.37 9.91 -2.65
N HIS A 97 12.40 9.08 -2.46
CA HIS A 97 13.58 9.46 -1.68
C HIS A 97 14.80 9.52 -2.59
N PHE A 98 15.62 10.55 -2.41
CA PHE A 98 16.83 10.75 -3.19
C PHE A 98 18.03 10.72 -2.25
N ASP A 99 19.08 10.02 -2.65
CA ASP A 99 20.29 9.88 -1.85
C ASP A 99 21.08 11.18 -1.83
N ASP A 100 21.14 11.83 -0.68
CA ASP A 100 21.90 13.07 -0.61
C ASP A 100 23.40 12.92 -0.52
N ASP A 101 23.90 11.71 -0.73
CA ASP A 101 25.34 11.50 -0.76
C ASP A 101 25.79 11.59 -2.22
N GLU A 102 24.83 11.68 -3.14
CA GLU A 102 25.12 11.82 -4.56
C GLU A 102 25.22 13.31 -4.84
N THR A 103 25.84 13.66 -5.96
CA THR A 103 25.95 15.06 -6.34
C THR A 103 24.86 15.33 -7.40
N TRP A 104 23.80 16.01 -6.97
CA TRP A 104 22.64 16.36 -7.80
C TRP A 104 22.84 17.65 -8.57
N THR A 105 22.49 17.67 -9.85
CA THR A 105 22.68 18.88 -10.65
C THR A 105 21.53 19.17 -11.60
N SER A 106 21.57 20.34 -12.21
CA SER A 106 20.58 20.74 -13.20
C SER A 106 21.29 20.72 -14.55
N SER A 107 22.45 20.08 -14.61
CA SER A 107 23.23 20.01 -15.84
C SER A 107 23.67 18.56 -16.07
N SER A 108 24.76 18.37 -16.82
CA SER A 108 25.26 17.04 -17.12
C SER A 108 26.23 16.51 -16.07
N LYS A 109 26.66 17.36 -15.14
CA LYS A 109 27.60 16.93 -14.12
C LYS A 109 26.84 16.09 -13.11
N GLY A 110 27.56 15.26 -12.35
CA GLY A 110 26.93 14.42 -11.34
C GLY A 110 25.68 13.76 -11.89
N TYR A 111 24.61 13.78 -11.11
CA TYR A 111 23.35 13.17 -11.55
C TYR A 111 22.29 14.25 -11.74
N ASN A 112 21.73 14.32 -12.94
CA ASN A 112 20.70 15.30 -13.29
C ASN A 112 19.42 14.98 -12.50
N LEU A 113 19.03 15.88 -11.60
CA LEU A 113 17.84 15.68 -10.76
C LEU A 113 16.58 15.49 -11.58
N PHE A 114 16.37 16.30 -12.62
CA PHE A 114 15.18 16.15 -13.45
C PHE A 114 15.00 14.72 -13.96
N LEU A 115 16.05 14.15 -14.54
CA LEU A 115 15.99 12.80 -15.11
C LEU A 115 15.72 11.73 -14.08
N VAL A 116 16.48 11.74 -12.98
CA VAL A 116 16.29 10.75 -11.94
C VAL A 116 14.89 10.88 -11.32
N ALA A 117 14.43 12.11 -11.12
CA ALA A 117 13.11 12.37 -10.55
C ALA A 117 12.00 11.85 -11.47
N ALA A 118 12.16 12.09 -12.77
CA ALA A 118 11.19 11.64 -13.77
C ALA A 118 11.02 10.11 -13.70
N HIS A 119 12.14 9.40 -13.55
CA HIS A 119 12.15 7.95 -13.43
C HIS A 119 11.49 7.53 -12.12
N GLU A 120 11.87 8.18 -11.02
CA GLU A 120 11.29 7.85 -9.72
C GLU A 120 9.79 8.11 -9.67
N PHE A 121 9.34 9.21 -10.29
CA PHE A 121 7.92 9.51 -10.30
C PHE A 121 7.16 8.48 -11.12
N GLY A 122 7.83 7.84 -12.08
CA GLY A 122 7.19 6.79 -12.84
C GLY A 122 6.80 5.72 -11.85
N HIS A 123 7.70 5.44 -10.90
CA HIS A 123 7.46 4.45 -9.86
C HIS A 123 6.32 4.90 -8.94
N SER A 124 6.33 6.17 -8.54
CA SER A 124 5.29 6.73 -7.66
C SER A 124 3.89 6.60 -8.26
N LEU A 125 3.84 6.57 -9.59
CA LEU A 125 2.60 6.46 -10.34
C LEU A 125 2.17 5.02 -10.68
N GLY A 126 3.03 4.04 -10.43
CA GLY A 126 2.67 2.67 -10.74
C GLY A 126 3.48 1.91 -11.77
N LEU A 127 4.51 2.53 -12.35
CA LEU A 127 5.35 1.85 -13.34
C LEU A 127 6.59 1.22 -12.69
N ASP A 128 6.92 0.00 -13.11
CA ASP A 128 8.10 -0.69 -12.63
C ASP A 128 9.13 -0.53 -13.75
N HIS A 129 10.24 -1.25 -13.67
CA HIS A 129 11.28 -1.11 -14.68
C HIS A 129 10.91 -1.78 -15.99
N SER A 130 11.39 -1.20 -17.08
CA SER A 130 11.15 -1.71 -18.41
C SER A 130 12.41 -2.45 -18.87
N LYS A 131 12.27 -3.30 -19.88
CA LYS A 131 13.42 -4.02 -20.41
C LYS A 131 14.02 -3.22 -21.57
N ASP A 132 13.23 -2.29 -22.11
CA ASP A 132 13.69 -1.47 -23.21
C ASP A 132 14.80 -0.50 -22.77
N PRO A 133 16.02 -0.69 -23.28
CA PRO A 133 17.16 0.15 -22.96
C PRO A 133 16.97 1.63 -23.26
N GLY A 134 16.03 1.96 -24.14
CA GLY A 134 15.80 3.36 -24.45
C GLY A 134 14.69 4.00 -23.62
N ALA A 135 14.06 3.23 -22.73
CA ALA A 135 12.98 3.75 -21.90
C ALA A 135 13.47 4.52 -20.67
N LEU A 136 12.68 5.51 -20.25
CA LEU A 136 13.01 6.29 -19.06
C LEU A 136 12.95 5.35 -17.85
N MET A 137 12.07 4.34 -17.91
CA MET A 137 11.94 3.37 -16.81
C MET A 137 13.00 2.25 -16.83
N PHE A 138 13.99 2.38 -17.71
CA PHE A 138 15.08 1.40 -17.76
C PHE A 138 15.83 1.71 -16.45
N PRO A 139 16.20 0.69 -15.67
CA PRO A 139 16.90 0.89 -14.39
C PRO A 139 18.35 1.42 -14.36
N ILE A 140 18.84 2.01 -15.45
CA ILE A 140 20.20 2.52 -15.47
C ILE A 140 20.20 3.95 -15.98
N TYR A 141 20.93 4.81 -15.27
CA TYR A 141 21.02 6.22 -15.59
C TYR A 141 21.73 6.55 -16.90
N THR A 142 21.14 7.46 -17.66
CA THR A 142 21.68 7.95 -18.91
C THR A 142 21.29 9.43 -18.99
N TYR A 143 22.23 10.29 -19.33
CA TYR A 143 21.95 11.70 -19.48
C TYR A 143 21.56 12.08 -20.90
N THR A 144 20.55 12.93 -20.95
CA THR A 144 20.02 13.49 -22.19
C THR A 144 19.87 14.99 -21.88
N PHE A 149 14.99 15.96 -24.74
CA PHE A 149 14.33 14.86 -23.97
C PHE A 149 12.86 14.78 -24.29
N MET A 150 12.42 13.60 -24.71
CA MET A 150 11.03 13.34 -25.04
C MET A 150 10.73 11.98 -24.44
N LEU A 151 9.66 11.89 -23.66
CA LEU A 151 9.27 10.63 -23.02
C LEU A 151 9.22 9.52 -24.07
N PRO A 152 10.00 8.45 -23.88
CA PRO A 152 10.00 7.34 -24.85
C PRO A 152 8.62 6.69 -24.97
N ASP A 153 8.34 6.11 -26.14
CA ASP A 153 7.05 5.47 -26.36
C ASP A 153 6.75 4.35 -25.41
N ASP A 154 7.76 3.59 -25.01
CA ASP A 154 7.50 2.50 -24.07
C ASP A 154 6.89 3.03 -22.77
N ASP A 155 7.42 4.14 -22.27
CA ASP A 155 6.92 4.75 -21.05
C ASP A 155 5.54 5.34 -21.25
N VAL A 156 5.31 5.94 -22.40
CA VAL A 156 4.00 6.49 -22.72
C VAL A 156 2.97 5.36 -22.70
N GLN A 157 3.31 4.24 -23.34
CA GLN A 157 2.42 3.10 -23.38
C GLN A 157 2.14 2.56 -21.98
N GLY A 158 3.17 2.53 -21.15
CA GLY A 158 3.01 2.02 -19.80
C GLY A 158 2.12 2.89 -18.93
N ILE A 159 2.39 4.19 -18.91
CA ILE A 159 1.60 5.06 -18.06
C ILE A 159 0.14 5.17 -18.55
N GLN A 160 -0.05 5.11 -19.86
CA GLN A 160 -1.40 5.20 -20.40
C GLN A 160 -2.21 3.93 -20.15
N SER A 161 -1.51 2.81 -19.96
CA SER A 161 -2.19 1.55 -19.68
C SER A 161 -2.85 1.66 -18.29
N LEU A 162 -2.26 2.50 -17.43
CA LEU A 162 -2.77 2.69 -16.09
C LEU A 162 -3.79 3.81 -15.95
N TYR A 163 -3.53 4.94 -16.61
CA TYR A 163 -4.39 6.12 -16.47
C TYR A 163 -5.10 6.67 -17.71
N GLY A 164 -4.79 6.15 -18.89
CA GLY A 164 -5.40 6.70 -20.08
C GLY A 164 -4.58 7.86 -20.65
N PRO A 165 -4.90 8.33 -21.85
CA PRO A 165 -4.17 9.43 -22.50
C PRO A 165 -4.52 10.85 -22.08
N GLY A 166 -5.65 11.03 -21.42
CA GLY A 166 -6.06 12.38 -21.06
C GLY A 166 -6.39 13.03 -22.38
N ASP A 167 -6.22 14.34 -22.49
CA ASP A 167 -6.51 15.02 -23.73
C ASP A 167 -5.48 14.60 -24.78
N GLU A 168 -6.01 14.13 -25.91
CA GLU A 168 -5.25 13.65 -27.05
C GLU A 168 -4.81 12.22 -26.78
N TYR B 1 7.30 -2.40 -21.18
CA TYR B 1 7.12 -1.78 -19.85
C TYR B 1 6.55 -2.79 -18.88
N ASN B 2 6.52 -2.42 -17.60
CA ASN B 2 5.97 -3.27 -16.56
C ASN B 2 5.28 -2.39 -15.54
N VAL B 3 4.19 -2.90 -14.98
CA VAL B 3 3.46 -2.18 -13.95
C VAL B 3 3.58 -3.10 -12.74
N PHE B 4 2.89 -2.74 -11.66
CA PHE B 4 2.88 -3.56 -10.46
C PHE B 4 1.55 -4.32 -10.45
N PRO B 5 1.51 -5.50 -11.10
CA PRO B 5 0.28 -6.30 -11.13
C PRO B 5 -0.02 -6.84 -9.74
N ARG B 6 -1.29 -6.80 -9.37
CA ARG B 6 -1.72 -7.26 -8.05
C ARG B 6 -2.43 -8.59 -8.08
N THR B 7 -2.24 -9.36 -7.00
CA THR B 7 -2.87 -10.66 -6.85
C THR B 7 -4.28 -10.33 -6.40
N LEU B 8 -5.25 -10.59 -7.27
CA LEU B 8 -6.64 -10.28 -6.97
C LEU B 8 -7.30 -11.23 -5.96
N LYS B 9 -6.87 -12.49 -5.96
CA LYS B 9 -7.45 -13.49 -5.07
C LYS B 9 -6.42 -14.58 -4.85
N TRP B 10 -6.63 -15.40 -3.84
CA TRP B 10 -5.70 -16.49 -3.55
C TRP B 10 -5.89 -17.53 -4.65
N SER B 11 -4.79 -18.10 -5.11
CA SER B 11 -4.79 -19.12 -6.16
C SER B 11 -5.10 -20.51 -5.62
N LYS B 12 -5.20 -20.61 -4.30
CA LYS B 12 -5.49 -21.87 -3.64
C LYS B 12 -6.67 -21.66 -2.69
N MET B 13 -7.52 -22.68 -2.59
CA MET B 13 -8.70 -22.61 -1.73
C MET B 13 -8.38 -22.96 -0.28
N ASN B 14 -7.29 -23.70 -0.07
CA ASN B 14 -6.87 -24.08 1.27
C ASN B 14 -5.77 -23.13 1.74
N LEU B 15 -6.09 -22.33 2.73
CA LEU B 15 -5.16 -21.34 3.27
C LEU B 15 -4.85 -21.68 4.71
N THR B 16 -3.70 -21.22 5.18
CA THR B 16 -3.29 -21.46 6.55
C THR B 16 -3.14 -20.12 7.25
N TYR B 17 -3.29 -20.12 8.57
CA TYR B 17 -3.13 -18.91 9.36
C TYR B 17 -2.41 -19.27 10.65
N ARG B 18 -1.79 -18.28 11.28
CA ARG B 18 -1.05 -18.51 12.51
C ARG B 18 -1.23 -17.33 13.43
N ILE B 19 -1.58 -17.59 14.69
CA ILE B 19 -1.73 -16.52 15.66
C ILE B 19 -0.34 -16.38 16.27
N VAL B 20 0.39 -15.35 15.85
CA VAL B 20 1.75 -15.13 16.33
C VAL B 20 1.89 -14.80 17.81
N ASN B 21 1.05 -13.90 18.30
CA ASN B 21 1.06 -13.51 19.70
C ASN B 21 -0.37 -13.17 20.11
N TYR B 22 -0.58 -12.90 21.40
CA TYR B 22 -1.91 -12.63 21.92
C TYR B 22 -2.05 -11.35 22.71
N THR B 23 -3.24 -10.76 22.65
CA THR B 23 -3.55 -9.53 23.38
C THR B 23 -3.73 -9.85 24.87
N PRO B 24 -3.38 -8.90 25.77
CA PRO B 24 -3.53 -9.14 27.21
C PRO B 24 -5.02 -9.18 27.64
N ASP B 25 -5.85 -8.49 26.87
CA ASP B 25 -7.28 -8.34 27.11
C ASP B 25 -8.22 -9.53 27.14
N MET B 26 -7.84 -10.61 26.44
CA MET B 26 -8.69 -11.78 26.35
C MET B 26 -7.87 -13.04 26.61
N THR B 27 -8.53 -14.14 26.96
CA THR B 27 -7.81 -15.41 27.20
C THR B 27 -7.39 -15.98 25.84
N HIS B 28 -6.40 -16.87 25.84
CA HIS B 28 -5.93 -17.50 24.61
C HIS B 28 -7.12 -18.16 23.91
N SER B 29 -7.96 -18.84 24.68
CA SER B 29 -9.15 -19.51 24.13
C SER B 29 -10.11 -18.53 23.47
N GLU B 30 -10.38 -17.40 24.12
CA GLU B 30 -11.28 -16.39 23.57
C GLU B 30 -10.74 -15.84 22.26
N VAL B 31 -9.45 -15.57 22.21
CA VAL B 31 -8.81 -15.05 21.00
C VAL B 31 -8.88 -16.08 19.88
N GLU B 32 -8.58 -17.34 20.20
CA GLU B 32 -8.61 -18.39 19.19
C GLU B 32 -10.02 -18.58 18.65
N LYS B 33 -11.00 -18.54 19.54
CA LYS B 33 -12.40 -18.69 19.14
C LYS B 33 -12.88 -17.53 18.27
N ALA B 34 -12.41 -16.33 18.59
CA ALA B 34 -12.78 -15.14 17.81
C ALA B 34 -12.24 -15.26 16.38
N PHE B 35 -10.96 -15.58 16.25
CA PHE B 35 -10.38 -15.72 14.92
C PHE B 35 -10.99 -16.89 14.14
N LYS B 36 -11.28 -17.99 14.84
CA LYS B 36 -11.89 -19.17 14.22
C LYS B 36 -13.25 -18.78 13.61
N LYS B 37 -14.07 -18.09 14.40
CA LYS B 37 -15.39 -17.63 13.95
C LYS B 37 -15.25 -16.66 12.78
N ALA B 38 -14.29 -15.74 12.90
CA ALA B 38 -14.03 -14.74 11.88
C ALA B 38 -13.75 -15.39 10.53
N PHE B 39 -12.94 -16.45 10.51
CA PHE B 39 -12.65 -17.16 9.26
C PHE B 39 -13.88 -17.90 8.74
N LYS B 40 -14.64 -18.48 9.67
CA LYS B 40 -15.85 -19.23 9.33
C LYS B 40 -16.85 -18.36 8.59
N VAL B 41 -16.86 -17.07 8.93
CA VAL B 41 -17.75 -16.10 8.29
C VAL B 41 -17.56 -16.18 6.77
N TRP B 42 -16.30 -16.29 6.36
CA TRP B 42 -15.96 -16.35 4.95
C TRP B 42 -15.99 -17.75 4.34
N SER B 43 -15.56 -18.74 5.12
CA SER B 43 -15.56 -20.11 4.61
C SER B 43 -16.96 -20.67 4.39
N ASP B 44 -17.92 -20.18 5.18
CA ASP B 44 -19.31 -20.62 5.08
C ASP B 44 -20.00 -20.26 3.76
N VAL B 45 -19.50 -19.23 3.08
CA VAL B 45 -20.10 -18.77 1.82
C VAL B 45 -19.20 -18.86 0.58
N THR B 46 -18.09 -19.59 0.71
CA THR B 46 -17.14 -19.76 -0.39
C THR B 46 -16.53 -21.15 -0.27
N PRO B 47 -15.70 -21.55 -1.24
CA PRO B 47 -15.06 -22.88 -1.21
C PRO B 47 -13.77 -22.84 -0.36
N LEU B 48 -13.42 -21.66 0.14
CA LEU B 48 -12.19 -21.50 0.93
C LEU B 48 -12.21 -22.29 2.23
N ASN B 49 -11.05 -22.81 2.61
CA ASN B 49 -10.88 -23.59 3.83
C ASN B 49 -9.69 -22.98 4.59
N PHE B 50 -9.77 -22.94 5.91
CA PHE B 50 -8.70 -22.34 6.72
C PHE B 50 -8.18 -23.28 7.79
N THR B 51 -6.86 -23.45 7.81
CA THR B 51 -6.21 -24.32 8.78
C THR B 51 -5.27 -23.50 9.63
N ARG B 52 -5.27 -23.76 10.93
CA ARG B 52 -4.42 -23.05 11.86
C ARG B 52 -3.10 -23.75 12.04
N LEU B 53 -2.01 -23.01 11.85
CA LEU B 53 -0.66 -23.50 12.01
C LEU B 53 -0.11 -22.92 13.33
N HIS B 54 0.70 -23.70 14.02
CA HIS B 54 1.28 -23.27 15.30
C HIS B 54 2.70 -22.73 15.20
N ASP B 55 3.38 -23.05 14.10
CA ASP B 55 4.76 -22.60 13.89
C ASP B 55 5.04 -22.34 12.43
N GLY B 56 6.16 -21.69 12.17
CA GLY B 56 6.57 -21.38 10.81
C GLY B 56 5.71 -20.35 10.11
N ILE B 57 5.87 -20.28 8.80
CA ILE B 57 5.14 -19.34 7.96
C ILE B 57 3.78 -19.92 7.55
N ALA B 58 2.75 -19.07 7.60
CA ALA B 58 1.39 -19.42 7.22
C ALA B 58 1.00 -18.32 6.24
N ASP B 59 -0.05 -18.56 5.44
CA ASP B 59 -0.52 -17.58 4.46
C ASP B 59 -0.97 -16.30 5.14
N ILE B 60 -1.72 -16.46 6.22
CA ILE B 60 -2.23 -15.32 6.97
C ILE B 60 -1.59 -15.27 8.36
N MET B 61 -0.57 -14.43 8.52
CA MET B 61 0.12 -14.27 9.80
C MET B 61 -0.63 -13.20 10.60
N ILE B 62 -1.17 -13.60 11.74
CA ILE B 62 -1.94 -12.70 12.62
C ILE B 62 -1.12 -12.27 13.82
N SER B 63 -1.10 -10.97 14.12
CA SER B 63 -0.36 -10.48 15.27
C SER B 63 -0.93 -9.19 15.86
N PHE B 64 -0.57 -8.96 17.11
CA PHE B 64 -0.97 -7.79 17.88
C PHE B 64 0.30 -6.98 18.11
N GLY B 65 0.22 -5.67 17.97
CA GLY B 65 1.38 -4.81 18.19
C GLY B 65 0.96 -3.37 18.39
N ILE B 66 1.88 -2.52 18.83
CA ILE B 66 1.57 -1.10 19.03
C ILE B 66 2.54 -0.23 18.28
N LYS B 67 2.14 1.01 18.01
CA LYS B 67 2.96 2.00 17.31
C LYS B 67 3.70 1.39 16.12
N GLU B 68 4.99 1.66 15.99
CA GLU B 68 5.78 1.10 14.89
C GLU B 68 6.01 -0.36 15.27
N HIS B 69 5.52 -1.26 14.44
CA HIS B 69 5.59 -2.68 14.73
C HIS B 69 6.20 -3.61 13.68
N GLY B 70 6.97 -3.09 12.72
CA GLY B 70 7.57 -3.99 11.75
C GLY B 70 7.30 -3.75 10.28
N ASP B 71 6.20 -3.06 10.00
CA ASP B 71 5.85 -2.70 8.63
C ASP B 71 5.98 -1.20 8.85
N PHE B 72 6.03 -0.35 7.85
CA PHE B 72 6.15 1.05 8.26
C PHE B 72 4.80 1.78 8.29
N TYR B 73 3.80 1.11 8.86
CA TYR B 73 2.45 1.65 8.98
C TYR B 73 2.16 1.57 10.46
N PRO B 74 2.72 2.50 11.25
CA PRO B 74 2.51 2.48 12.70
C PRO B 74 1.09 2.66 13.22
N PHE B 75 0.81 2.04 14.35
CA PHE B 75 -0.48 2.21 14.98
C PHE B 75 -0.43 3.52 15.75
N ASP B 76 -1.57 3.94 16.27
CA ASP B 76 -1.70 5.25 16.91
C ASP B 76 -2.17 5.34 18.35
N GLY B 77 -2.02 4.27 19.12
CA GLY B 77 -2.49 4.31 20.49
C GLY B 77 -3.99 4.02 20.49
N PRO B 78 -4.68 4.30 21.60
CA PRO B 78 -6.12 4.06 21.73
C PRO B 78 -6.94 4.80 20.67
N SER B 79 -7.97 4.15 20.16
CA SER B 79 -8.86 4.69 19.13
C SER B 79 -8.13 4.87 17.81
N GLY B 80 -8.72 5.64 16.90
CA GLY B 80 -8.11 5.85 15.59
C GLY B 80 -8.03 4.51 14.88
N LEU B 81 -6.88 4.20 14.31
CA LEU B 81 -6.66 2.94 13.62
C LEU B 81 -6.85 1.80 14.63
N LEU B 82 -7.56 0.77 14.22
CA LEU B 82 -7.81 -0.37 15.07
C LEU B 82 -6.98 -1.57 14.62
N ALA B 83 -6.84 -1.70 13.31
CA ALA B 83 -6.12 -2.82 12.72
C ALA B 83 -5.97 -2.59 11.22
N HIS B 84 -5.13 -3.38 10.58
CA HIS B 84 -4.96 -3.29 9.14
C HIS B 84 -4.52 -4.65 8.64
N ALA B 85 -4.83 -4.93 7.38
CA ALA B 85 -4.47 -6.19 6.77
C ALA B 85 -4.01 -5.98 5.35
N PHE B 86 -3.22 -6.92 4.85
CA PHE B 86 -2.70 -6.82 3.50
C PHE B 86 -3.47 -7.76 2.59
N PRO B 87 -3.77 -7.33 1.36
CA PRO B 87 -4.51 -8.16 0.40
C PRO B 87 -3.67 -9.38 0.01
N PRO B 88 -4.27 -10.34 -0.69
CA PRO B 88 -3.59 -11.55 -1.12
C PRO B 88 -2.25 -11.35 -1.83
N GLY B 89 -1.36 -12.32 -1.62
CA GLY B 89 -0.05 -12.27 -2.23
C GLY B 89 0.97 -12.87 -1.28
N PRO B 90 2.24 -12.91 -1.66
CA PRO B 90 3.28 -13.47 -0.80
C PRO B 90 3.76 -12.43 0.21
N ASN B 91 4.71 -12.82 1.04
CA ASN B 91 5.30 -11.93 2.03
C ASN B 91 4.23 -11.43 3.02
N TYR B 92 4.14 -10.12 3.23
CA TYR B 92 3.15 -9.55 4.14
C TYR B 92 1.74 -9.78 3.63
N GLY B 93 1.62 -10.17 2.36
CA GLY B 93 0.32 -10.40 1.75
C GLY B 93 -0.55 -11.31 2.60
N GLY B 94 -1.79 -10.88 2.86
CA GLY B 94 -2.70 -11.68 3.65
C GLY B 94 -2.61 -11.48 5.16
N ASP B 95 -1.51 -10.89 5.64
CA ASP B 95 -1.33 -10.70 7.07
C ASP B 95 -2.27 -9.69 7.72
N ALA B 96 -2.54 -9.91 9.01
CA ALA B 96 -3.44 -9.04 9.77
C ALA B 96 -2.80 -8.59 11.08
N HIS B 97 -2.78 -7.26 11.29
CA HIS B 97 -2.20 -6.67 12.48
C HIS B 97 -3.29 -5.96 13.28
N PHE B 98 -3.34 -6.19 14.59
CA PHE B 98 -4.32 -5.58 15.48
C PHE B 98 -3.60 -4.67 16.47
N ASP B 99 -4.15 -3.46 16.64
CA ASP B 99 -3.55 -2.46 17.53
C ASP B 99 -3.77 -2.88 18.97
N ASP B 100 -2.68 -3.23 19.66
CA ASP B 100 -2.82 -3.65 21.04
C ASP B 100 -2.95 -2.51 22.05
N ASP B 101 -3.16 -1.31 21.55
CA ASP B 101 -3.40 -0.18 22.44
C ASP B 101 -4.92 0.02 22.51
N GLU B 102 -5.65 -0.88 21.85
CA GLU B 102 -7.10 -0.87 21.87
C GLU B 102 -7.49 -1.92 22.92
N THR B 103 -8.72 -1.85 23.43
CA THR B 103 -9.18 -2.83 24.40
C THR B 103 -10.00 -3.83 23.61
N TRP B 104 -9.47 -5.03 23.46
CA TRP B 104 -10.13 -6.07 22.71
C TRP B 104 -11.04 -6.87 23.61
N THR B 105 -12.21 -7.23 23.12
CA THR B 105 -13.15 -7.98 23.93
C THR B 105 -13.95 -9.03 23.14
N SER B 106 -14.47 -9.99 23.89
CA SER B 106 -15.31 -11.04 23.33
C SER B 106 -16.75 -10.52 23.34
N SER B 107 -16.95 -9.33 23.92
CA SER B 107 -18.27 -8.73 24.00
C SER B 107 -18.29 -7.28 23.50
N SER B 108 -18.84 -6.35 24.30
CA SER B 108 -18.94 -4.94 23.91
C SER B 108 -18.06 -3.91 24.63
N LYS B 109 -17.50 -4.26 25.79
CA LYS B 109 -16.66 -3.30 26.49
C LYS B 109 -15.29 -3.17 25.81
N GLY B 110 -15.26 -2.35 24.76
CA GLY B 110 -14.05 -2.15 23.99
C GLY B 110 -14.43 -2.50 22.56
N TYR B 111 -13.48 -2.99 21.78
CA TYR B 111 -13.75 -3.38 20.40
C TYR B 111 -13.84 -4.89 20.33
N ASN B 112 -14.95 -5.39 19.79
CA ASN B 112 -15.14 -6.83 19.66
C ASN B 112 -14.14 -7.39 18.64
N LEU B 113 -13.23 -8.24 19.11
CA LEU B 113 -12.19 -8.82 18.25
C LEU B 113 -12.76 -9.58 17.03
N PHE B 114 -13.76 -10.42 17.24
CA PHE B 114 -14.37 -11.18 16.17
C PHE B 114 -14.81 -10.28 15.02
N LEU B 115 -15.56 -9.22 15.33
CA LEU B 115 -16.02 -8.30 14.31
C LEU B 115 -14.87 -7.64 13.54
N VAL B 116 -13.90 -7.09 14.26
CA VAL B 116 -12.77 -6.44 13.60
C VAL B 116 -11.98 -7.45 12.75
N ALA B 117 -11.72 -8.63 13.30
CA ALA B 117 -10.98 -9.67 12.59
C ALA B 117 -11.73 -10.07 11.31
N ALA B 118 -13.04 -10.27 11.39
CA ALA B 118 -13.84 -10.65 10.23
C ALA B 118 -13.69 -9.63 9.12
N HIS B 119 -13.71 -8.35 9.48
CA HIS B 119 -13.53 -7.25 8.51
C HIS B 119 -12.12 -7.31 7.92
N GLU B 120 -11.11 -7.47 8.78
CA GLU B 120 -9.72 -7.53 8.34
C GLU B 120 -9.45 -8.74 7.45
N PHE B 121 -10.06 -9.87 7.75
CA PHE B 121 -9.87 -11.09 6.95
C PHE B 121 -10.50 -10.90 5.55
N GLY B 122 -11.53 -10.07 5.47
CA GLY B 122 -12.11 -9.78 4.17
C GLY B 122 -11.01 -9.13 3.32
N HIS B 123 -10.20 -8.28 3.95
CA HIS B 123 -9.09 -7.60 3.27
C HIS B 123 -8.04 -8.64 2.87
N SER B 124 -7.72 -9.56 3.78
CA SER B 124 -6.74 -10.61 3.52
C SER B 124 -7.13 -11.50 2.33
N LEU B 125 -8.43 -11.57 2.06
CA LEU B 125 -8.97 -12.38 0.96
C LEU B 125 -9.17 -11.61 -0.34
N GLY B 126 -8.97 -10.29 -0.31
CA GLY B 126 -9.09 -9.48 -1.50
C GLY B 126 -10.21 -8.45 -1.58
N LEU B 127 -10.96 -8.29 -0.49
CA LEU B 127 -12.05 -7.32 -0.50
C LEU B 127 -11.62 -5.97 0.02
N ASP B 128 -12.00 -4.92 -0.69
CA ASP B 128 -11.71 -3.57 -0.28
C ASP B 128 -12.96 -3.10 0.49
N HIS B 129 -13.00 -1.84 0.87
CA HIS B 129 -14.14 -1.30 1.60
C HIS B 129 -15.39 -1.13 0.76
N SER B 130 -16.52 -1.43 1.35
CA SER B 130 -17.82 -1.29 0.72
C SER B 130 -18.35 0.09 1.05
N LYS B 131 -19.20 0.63 0.19
CA LYS B 131 -19.80 1.93 0.44
C LYS B 131 -21.12 1.76 1.16
N ASP B 132 -21.57 0.52 1.26
CA ASP B 132 -22.83 0.19 1.93
C ASP B 132 -22.59 0.24 3.44
N PRO B 133 -23.27 1.16 4.15
CA PRO B 133 -23.12 1.30 5.60
C PRO B 133 -23.52 0.07 6.40
N GLY B 134 -24.21 -0.87 5.75
CA GLY B 134 -24.64 -2.08 6.40
C GLY B 134 -23.74 -3.27 6.18
N ALA B 135 -22.71 -3.12 5.34
CA ALA B 135 -21.79 -4.21 5.06
C ALA B 135 -20.70 -4.34 6.13
N LEU B 136 -20.19 -5.55 6.31
CA LEU B 136 -19.12 -5.81 7.25
C LEU B 136 -17.85 -5.10 6.76
N MET B 137 -17.74 -4.93 5.43
CA MET B 137 -16.59 -4.26 4.85
C MET B 137 -16.66 -2.74 4.89
N PHE B 138 -17.71 -2.21 5.51
CA PHE B 138 -17.84 -0.77 5.67
C PHE B 138 -16.78 -0.42 6.73
N PRO B 139 -15.94 0.59 6.47
CA PRO B 139 -14.85 1.02 7.37
C PRO B 139 -15.14 1.63 8.75
N ILE B 140 -16.33 1.43 9.30
CA ILE B 140 -16.64 1.98 10.62
C ILE B 140 -17.17 0.87 11.52
N TYR B 141 -16.65 0.82 12.74
CA TYR B 141 -17.05 -0.20 13.72
C TYR B 141 -18.46 0.01 14.26
N THR B 142 -19.24 -1.07 14.28
CA THR B 142 -20.60 -1.09 14.80
C THR B 142 -20.76 -2.44 15.51
N TYR B 143 -21.53 -2.45 16.60
CA TYR B 143 -21.80 -3.66 17.39
C TYR B 143 -23.32 -3.78 17.56
N THR B 144 -23.90 -4.85 17.05
CA THR B 144 -25.35 -5.03 17.13
C THR B 144 -25.90 -5.52 18.48
N GLY B 145 -25.11 -6.27 19.22
CA GLY B 145 -25.56 -6.77 20.51
C GLY B 145 -26.29 -8.11 20.37
N LYS B 146 -26.33 -8.63 19.16
CA LYS B 146 -27.00 -9.90 18.87
C LYS B 146 -26.01 -11.09 18.96
N SER B 147 -26.45 -12.19 19.58
CA SER B 147 -25.61 -13.38 19.74
C SER B 147 -25.23 -14.03 18.40
N HIS B 148 -26.09 -13.90 17.40
CA HIS B 148 -25.86 -14.52 16.08
C HIS B 148 -25.46 -13.49 15.02
N PHE B 149 -24.39 -13.78 14.30
CA PHE B 149 -23.91 -12.89 13.25
C PHE B 149 -24.35 -13.44 11.89
N MET B 150 -24.77 -12.53 11.01
CA MET B 150 -25.21 -12.85 9.64
C MET B 150 -24.42 -11.96 8.70
N LEU B 151 -23.64 -12.57 7.82
CA LEU B 151 -22.83 -11.83 6.85
C LEU B 151 -23.81 -11.08 5.93
N PRO B 152 -23.68 -9.74 5.84
CA PRO B 152 -24.57 -8.98 4.96
C PRO B 152 -24.45 -9.43 3.52
N ASP B 153 -25.53 -9.31 2.76
CA ASP B 153 -25.55 -9.71 1.36
C ASP B 153 -24.46 -9.02 0.55
N ASP B 154 -24.16 -7.76 0.86
CA ASP B 154 -23.12 -7.05 0.11
C ASP B 154 -21.76 -7.74 0.21
N ASP B 155 -21.44 -8.27 1.38
CA ASP B 155 -20.17 -8.96 1.58
C ASP B 155 -20.21 -10.34 0.94
N VAL B 156 -21.38 -10.98 0.99
CA VAL B 156 -21.55 -12.30 0.38
C VAL B 156 -21.32 -12.19 -1.14
N GLN B 157 -21.98 -11.22 -1.75
CA GLN B 157 -21.84 -11.00 -3.18
C GLN B 157 -20.42 -10.62 -3.54
N GLY B 158 -19.77 -9.88 -2.64
CA GLY B 158 -18.40 -9.46 -2.86
C GLY B 158 -17.42 -10.62 -2.82
N ILE B 159 -17.45 -11.39 -1.74
CA ILE B 159 -16.52 -12.50 -1.61
C ILE B 159 -16.77 -13.59 -2.66
N GLN B 160 -18.02 -13.77 -3.06
CA GLN B 160 -18.37 -14.77 -4.06
C GLN B 160 -18.00 -14.31 -5.46
N SER B 161 -17.88 -13.00 -5.66
CA SER B 161 -17.50 -12.49 -6.98
C SER B 161 -16.04 -12.88 -7.26
N LEU B 162 -15.32 -13.23 -6.20
CA LEU B 162 -13.92 -13.61 -6.30
C LEU B 162 -13.69 -15.12 -6.26
N TYR B 163 -14.33 -15.79 -5.31
CA TYR B 163 -14.16 -17.23 -5.11
C TYR B 163 -15.35 -18.10 -5.48
N GLY B 164 -16.49 -17.48 -5.74
CA GLY B 164 -17.67 -18.25 -6.06
C GLY B 164 -18.33 -18.68 -4.76
N PRO B 165 -19.51 -19.31 -4.81
CA PRO B 165 -20.20 -19.75 -3.60
C PRO B 165 -19.79 -21.12 -3.09
N GLY B 166 -20.50 -21.56 -2.06
CA GLY B 166 -20.27 -22.88 -1.50
C GLY B 166 -21.49 -23.70 -1.90
#